data_1AWH
#
_entry.id   1AWH
#
_cell.length_a   65.600
_cell.length_b   102.800
_cell.length_c   119.700
_cell.angle_alpha   90.00
_cell.angle_beta   90.00
_cell.angle_gamma   90.00
#
_symmetry.space_group_name_H-M   'P 21 21 21'
#
loop_
_entity.id
_entity.type
_entity.pdbx_description
1 polymer 'ALPHA THROMBIN'
2 polymer 'ALPHA THROMBIN'
3 non-polymer '3-ACETOXY-17-(1-FORMYL-5-METHYL-3-OXO-HEX-4-ENYL)-16-HYDROXY-4,10,13,14-TETRAMETHYL-2,3,4,5,6,9,10,11,12,13,14,15,16,17-TETRADECAHYDRO-1H-CYCLOPENTA[A]PHENANTHRENE-4-CARBOXYLIC ACID'
4 water water
#
loop_
_entity_poly.entity_id
_entity_poly.type
_entity_poly.pdbx_seq_one_letter_code
_entity_poly.pdbx_strand_id
1 'polypeptide(L)' TFGSGEADCGLRPLFEKKSLEDKTERELLESYIDGR A,C
2 'polypeptide(L)'
;IVEGSDAEIGMSPWQVMLFRKSPQELLCGASLISDRWVLTAAHCLLYPPWDKNFTENDLLVRIGKHSRTRYERNIEKISM
LEKIYIHPRYNWRENLDRDIALMKLKKPVAFSDYIHPVCLPDRETAASLLQAGYKGRVTGWGNLKETWTANVGKGQPSVL
QVVNLPIVERPVCKDSTRIRITDNMFCAGYKPDEGKRGDACEGDSGGPFVMKSPFNNRWYQMGIVSWGEGCDRDGKYGFY
THVFRLKKWIQKVIDQFGE
;
B,D
#
loop_
_chem_comp.id
_chem_comp.type
_chem_comp.name
_chem_comp.formula
GR3 non-polymer '3-ACETOXY-17-(1-FORMYL-5-METHYL-3-OXO-HEX-4-ENYL)-16-HYDROXY-4,10,13,14-TETRAMETHYL-2,3,4,5,6,9,10,11,12,13,14,15,16,17-TETRADECAHYDRO-1H-CYCLOPENTA[A]PHENANTHRENE-4-CARBOXYLIC ACID' 'C32 H46 O7'
#
# COMPACT_ATOMS: atom_id res chain seq x y z
N THR A 1 -31.32 -6.27 -13.17
CA THR A 1 -32.18 -5.05 -12.99
C THR A 1 -32.73 -4.82 -11.52
N PHE A 2 -33.72 -5.65 -11.13
CA PHE A 2 -33.56 -6.29 -9.81
C PHE A 2 -32.73 -7.58 -9.96
N GLY A 3 -32.91 -8.52 -9.02
CA GLY A 3 -31.83 -8.64 -8.02
C GLY A 3 -31.41 -7.29 -7.38
N SER A 4 -32.26 -6.85 -6.46
CA SER A 4 -31.99 -5.70 -5.56
C SER A 4 -32.85 -5.75 -4.28
N GLY A 5 -32.28 -6.14 -3.12
CA GLY A 5 -32.92 -5.94 -1.79
C GLY A 5 -33.64 -4.62 -1.44
N GLU A 6 -33.68 -3.68 -2.39
CA GLU A 6 -34.85 -2.77 -2.41
C GLU A 6 -36.18 -3.47 -2.39
N ALA A 7 -36.65 -3.60 -1.18
CA ALA A 7 -37.57 -4.68 -0.86
C ALA A 7 -37.67 -4.72 0.66
N ASP A 8 -37.04 -5.72 1.27
CA ASP A 8 -36.77 -5.77 2.72
C ASP A 8 -35.34 -5.25 2.91
N CYS A 9 -35.17 -3.95 2.62
CA CYS A 9 -33.86 -3.31 2.88
C CYS A 9 -33.84 -2.57 4.16
N GLY A 10 -32.67 -2.24 4.62
CA GLY A 10 -32.59 -1.45 5.86
C GLY A 10 -33.11 -2.08 7.12
N LEU A 11 -33.51 -3.35 7.00
CA LEU A 11 -34.01 -4.13 8.13
C LEU A 11 -33.02 -5.12 8.70
N ARG A 12 -32.48 -4.78 9.81
CA ARG A 12 -31.46 -5.69 10.27
C ARG A 12 -31.97 -6.96 10.94
N PRO A 13 -31.66 -8.13 10.31
CA PRO A 13 -32.05 -9.46 10.81
C PRO A 13 -32.08 -9.69 12.31
N LEU A 14 -31.11 -8.99 12.89
CA LEU A 14 -30.67 -9.12 14.29
C LEU A 14 -31.17 -8.10 15.33
N PHE A 15 -31.87 -7.05 14.81
CA PHE A 15 -32.41 -5.92 15.63
C PHE A 15 -33.90 -5.63 15.33
N GLU A 16 -34.18 -4.72 14.38
CA GLU A 16 -35.59 -4.55 13.96
C GLU A 16 -36.41 -5.83 13.82
N LYS A 17 -36.19 -6.65 12.79
CA LYS A 17 -36.74 -8.02 12.82
C LYS A 17 -36.81 -8.74 14.16
N LYS A 18 -35.69 -8.89 14.82
CA LYS A 18 -35.72 -9.52 16.14
C LYS A 18 -36.29 -8.67 17.31
N SER A 19 -36.94 -7.58 16.89
CA SER A 19 -37.42 -6.45 17.69
C SER A 19 -36.59 -5.78 18.75
N LEU A 20 -35.39 -5.47 18.30
CA LEU A 20 -34.37 -4.87 19.15
C LEU A 20 -33.62 -3.63 18.68
N GLU A 21 -33.14 -2.99 19.72
CA GLU A 21 -32.72 -1.62 19.54
C GLU A 21 -31.27 -1.55 19.95
N ASP A 22 -30.37 -1.29 19.01
CA ASP A 22 -28.97 -1.19 19.44
C ASP A 22 -28.61 -0.09 20.43
N LYS A 23 -27.44 -0.27 21.07
CA LYS A 23 -27.02 0.64 22.17
C LYS A 23 -27.14 2.15 22.04
N THR A 24 -27.26 2.61 20.81
CA THR A 24 -27.09 4.05 20.59
C THR A 24 -28.01 4.65 19.56
N GLU A 25 -28.56 3.77 18.75
CA GLU A 25 -29.80 4.07 18.04
C GLU A 25 -30.71 5.14 18.64
N ARG A 26 -30.92 5.04 19.96
CA ARG A 26 -31.80 6.03 20.62
C ARG A 26 -31.43 7.49 20.36
N GLU A 27 -30.10 7.75 20.42
CA GLU A 27 -29.54 9.09 20.15
C GLU A 27 -29.89 9.61 18.77
N LEU A 28 -29.74 8.69 17.84
CA LEU A 28 -30.02 9.09 16.47
C LEU A 28 -31.35 9.76 16.36
N LEU A 29 -32.25 9.01 16.91
CA LEU A 29 -33.66 9.30 16.75
C LEU A 29 -34.14 10.47 17.68
N GLU A 30 -33.66 10.41 18.90
CA GLU A 30 -33.67 11.57 19.82
C GLU A 30 -33.22 12.94 19.30
N SER A 31 -32.50 12.91 18.20
CA SER A 31 -32.13 14.22 17.67
C SER A 31 -33.07 14.68 16.63
N TYR A 32 -33.94 13.76 16.21
CA TYR A 32 -34.93 14.14 15.21
C TYR A 32 -35.96 15.05 15.87
N ILE A 33 -36.02 16.23 15.26
CA ILE A 33 -36.35 17.42 16.08
C ILE A 33 -36.42 17.42 17.64
N ASP A 34 -35.18 17.44 18.15
CA ASP A 34 -34.75 17.21 19.54
C ASP A 34 -35.51 16.28 20.43
N GLY A 35 -36.28 15.45 19.67
CA GLY A 35 -37.61 14.98 20.06
C GLY A 35 -38.04 13.62 19.59
N ARG A 36 -37.95 12.77 20.66
CA ARG A 36 -38.26 11.33 20.91
C ARG A 36 -38.60 11.05 22.38
N ILE B 1 -12.10 4.79 13.02
CA ILE B 1 -12.96 5.99 13.13
C ILE B 1 -12.42 6.75 14.34
N VAL B 2 -12.36 8.09 14.43
CA VAL B 2 -11.85 8.59 15.72
C VAL B 2 -12.94 8.74 16.73
N GLU B 3 -12.63 8.30 17.97
CA GLU B 3 -13.54 8.51 19.10
C GLU B 3 -14.94 7.84 19.05
N GLY B 4 -14.93 6.55 18.87
CA GLY B 4 -16.20 5.88 18.64
C GLY B 4 -16.23 4.57 19.37
N SER B 5 -17.19 3.74 19.09
CA SER B 5 -17.23 2.52 19.93
C SER B 5 -17.20 1.25 19.16
N ASP B 6 -17.01 0.12 19.87
CA ASP B 6 -17.21 -1.15 19.14
C ASP B 6 -18.57 -1.32 18.45
N ALA B 7 -18.57 -1.93 17.30
CA ALA B 7 -19.90 -2.15 16.75
C ALA B 7 -20.53 -3.38 17.33
N GLU B 8 -21.85 -3.44 17.28
CA GLU B 8 -22.38 -4.71 17.76
C GLU B 8 -22.53 -5.72 16.66
N ILE B 9 -22.51 -6.98 17.07
CA ILE B 9 -22.72 -8.06 16.10
C ILE B 9 -24.06 -7.93 15.44
N GLY B 10 -24.09 -8.00 14.12
CA GLY B 10 -25.34 -7.65 13.42
C GLY B 10 -25.68 -6.15 13.27
N MET B 11 -24.94 -5.29 13.96
CA MET B 11 -25.31 -3.87 13.87
C MET B 11 -25.23 -3.21 12.50
N SER B 12 -24.29 -3.71 11.71
CA SER B 12 -24.16 -3.05 10.40
C SER B 12 -24.14 -3.97 9.20
N PRO B 13 -25.20 -4.73 8.98
CA PRO B 13 -25.21 -5.74 7.92
C PRO B 13 -24.96 -5.31 6.48
N TRP B 14 -25.10 -4.04 6.20
CA TRP B 14 -24.75 -3.63 4.83
C TRP B 14 -23.24 -3.33 4.58
N GLN B 15 -22.48 -3.35 5.65
CA GLN B 15 -21.04 -3.09 5.60
C GLN B 15 -20.09 -4.11 4.90
N VAL B 16 -19.68 -3.72 3.67
CA VAL B 16 -18.60 -4.33 2.88
C VAL B 16 -17.28 -3.69 3.28
N MET B 17 -16.23 -4.47 3.05
CA MET B 17 -14.82 -4.13 3.16
C MET B 17 -14.14 -4.40 1.89
N LEU B 18 -13.60 -3.33 1.34
CA LEU B 18 -12.87 -3.39 0.08
C LEU B 18 -11.42 -3.77 0.39
N PHE B 19 -11.10 -4.98 0.00
CA PHE B 19 -9.80 -5.59 0.34
C PHE B 19 -8.97 -5.79 -0.89
N ARG B 20 -7.68 -5.69 -0.64
CA ARG B 20 -6.84 -5.75 -1.82
C ARG B 20 -6.23 -7.10 -1.96
N LYS B 21 -6.22 -7.61 -3.18
CA LYS B 21 -5.83 -9.03 -3.25
C LYS B 21 -4.38 -9.35 -2.94
N SER B 22 -3.55 -8.84 -3.83
CA SER B 22 -2.11 -8.83 -3.54
C SER B 22 -1.45 -7.48 -3.72
N PRO B 23 -0.80 -7.07 -2.67
CA PRO B 23 -0.87 -7.75 -1.38
C PRO B 23 -2.15 -7.47 -0.63
N GLN B 24 -2.35 -8.37 0.30
CA GLN B 24 -3.35 -8.17 1.31
C GLN B 24 -3.12 -6.99 2.23
N GLU B 25 -4.10 -6.12 2.05
CA GLU B 25 -4.16 -4.82 2.66
C GLU B 25 -5.60 -4.39 2.61
N LEU B 26 -6.02 -3.50 3.51
CA LEU B 26 -7.39 -2.96 3.44
C LEU B 26 -7.53 -1.61 2.76
N LEU B 27 -8.34 -1.54 1.75
CA LEU B 27 -8.32 -0.26 1.03
C LEU B 27 -9.32 0.80 1.50
N CYS B 28 -10.55 0.32 1.55
CA CYS B 28 -11.58 1.17 2.14
C CYS B 28 -12.74 0.34 2.66
N GLY B 29 -13.79 1.03 3.04
CA GLY B 29 -15.10 0.39 3.23
C GLY B 29 -16.12 0.63 2.11
N ALA B 30 -17.15 -0.15 2.17
CA ALA B 30 -18.17 0.07 1.16
C ALA B 30 -19.48 -0.45 1.65
N SER B 31 -20.44 -0.43 0.76
CA SER B 31 -21.76 -0.76 1.33
C SER B 31 -22.55 -1.61 0.42
N LEU B 32 -23.37 -2.49 1.03
CA LEU B 32 -24.24 -3.40 0.29
C LEU B 32 -25.61 -2.89 -0.03
N ILE B 33 -25.84 -2.63 -1.31
CA ILE B 33 -27.15 -2.06 -1.59
C ILE B 33 -28.19 -3.01 -2.23
N SER B 34 -27.74 -4.24 -2.61
CA SER B 34 -28.57 -5.24 -3.36
C SER B 34 -27.98 -6.61 -3.19
N ASP B 35 -28.51 -7.74 -3.72
CA ASP B 35 -27.69 -8.97 -3.93
C ASP B 35 -26.44 -8.91 -4.82
N ARG B 36 -26.49 -8.01 -5.79
CA ARG B 36 -25.24 -7.94 -6.55
C ARG B 36 -24.40 -6.64 -6.50
N TRP B 37 -24.96 -5.63 -5.82
CA TRP B 37 -24.31 -4.30 -5.89
C TRP B 37 -23.81 -3.68 -4.65
N VAL B 38 -22.60 -3.17 -4.79
CA VAL B 38 -21.83 -2.53 -3.71
C VAL B 38 -21.37 -1.16 -4.19
N LEU B 39 -21.45 -0.23 -3.26
CA LEU B 39 -21.29 1.19 -3.56
C LEU B 39 -20.14 1.68 -2.73
N THR B 40 -19.26 2.42 -3.37
CA THR B 40 -18.09 2.87 -2.59
C THR B 40 -17.76 4.25 -3.03
N ALA B 41 -16.82 4.91 -2.36
CA ALA B 41 -16.31 6.13 -2.99
C ALA B 41 -15.37 5.92 -4.20
N ALA B 42 -15.53 6.75 -5.23
CA ALA B 42 -14.60 6.63 -6.36
C ALA B 42 -13.14 6.67 -6.02
N HIS B 43 -12.70 7.64 -5.26
CA HIS B 43 -11.26 7.63 -4.86
C HIS B 43 -10.57 6.44 -4.18
N CYS B 44 -11.39 5.44 -3.87
CA CYS B 44 -10.83 4.20 -3.33
C CYS B 44 -10.29 3.34 -4.46
N LEU B 45 -10.87 3.59 -5.62
CA LEU B 45 -10.42 2.89 -6.82
C LEU B 45 -9.49 3.67 -7.74
N LEU B 46 -9.94 4.83 -8.18
CA LEU B 46 -9.16 5.72 -9.07
C LEU B 46 -8.70 7.01 -8.40
N TYR B 47 -7.44 7.08 -7.98
CA TYR B 47 -6.89 8.36 -7.47
C TYR B 47 -5.49 8.72 -8.00
N PRO B 48 -5.43 9.32 -9.20
CA PRO B 48 -4.16 9.50 -9.91
C PRO B 48 -2.96 9.94 -9.13
N PRO B 49 -3.04 11.04 -8.36
CA PRO B 49 -1.84 11.45 -7.57
C PRO B 49 -1.29 10.44 -6.60
N TRP B 50 -1.90 9.30 -6.56
CA TRP B 50 -1.39 8.34 -5.62
C TRP B 50 -1.08 6.98 -6.27
N ASP B 51 -1.11 6.97 -7.62
CA ASP B 51 -0.93 5.70 -8.35
C ASP B 51 -1.63 4.45 -7.78
N LYS B 52 -2.84 4.85 -7.37
CA LYS B 52 -3.95 4.00 -6.99
C LYS B 52 -4.96 4.08 -8.09
N ASN B 53 -4.89 3.02 -8.84
CA ASN B 53 -5.80 2.87 -9.96
C ASN B 53 -6.00 1.39 -10.20
N PHE B 54 -7.08 0.92 -9.58
CA PHE B 54 -7.40 -0.50 -9.50
C PHE B 54 -8.48 -0.89 -10.48
N THR B 55 -8.56 -2.19 -10.65
CA THR B 55 -9.60 -2.73 -11.53
C THR B 55 -10.09 -4.06 -11.00
N GLU B 56 -11.28 -4.49 -11.43
CA GLU B 56 -11.92 -5.72 -10.92
C GLU B 56 -11.06 -6.78 -10.22
N ASN B 57 -10.27 -7.41 -11.08
CA ASN B 57 -9.15 -8.33 -10.80
C ASN B 57 -8.04 -7.88 -9.82
N ASP B 58 -8.29 -6.81 -9.08
CA ASP B 58 -7.40 -6.39 -8.00
C ASP B 58 -8.12 -6.34 -6.72
N LEU B 59 -9.38 -5.93 -6.87
CA LEU B 59 -10.15 -5.95 -5.62
C LEU B 59 -10.83 -7.26 -5.34
N LEU B 60 -10.96 -7.41 -4.05
CA LEU B 60 -11.64 -8.58 -3.49
C LEU B 60 -12.53 -8.00 -2.41
N VAL B 61 -13.80 -8.37 -2.39
CA VAL B 61 -14.75 -7.76 -1.40
C VAL B 61 -15.03 -8.63 -0.16
N ARG B 62 -15.07 -8.10 1.02
CA ARG B 62 -15.53 -9.03 2.05
C ARG B 62 -16.70 -8.62 2.95
N ILE B 63 -17.86 -9.24 2.64
CA ILE B 63 -19.11 -8.90 3.33
C ILE B 63 -19.37 -9.58 4.68
N GLY B 64 -19.82 -8.78 5.65
CA GLY B 64 -20.28 -9.57 6.82
C GLY B 64 -19.33 -9.80 7.96
N LYS B 65 -18.38 -8.91 8.01
CA LYS B 65 -17.51 -9.15 9.14
C LYS B 65 -17.44 -8.07 10.17
N HIS B 66 -16.81 -8.47 11.27
CA HIS B 66 -16.68 -7.67 12.50
C HIS B 66 -15.22 -7.40 12.84
N SER B 67 -14.50 -8.50 12.98
CA SER B 67 -13.03 -8.39 13.18
C SER B 67 -12.32 -7.71 12.05
N ARG B 68 -11.33 -6.86 12.31
CA ARG B 68 -10.54 -6.29 11.18
C ARG B 68 -9.71 -7.28 10.39
N THR B 69 -9.24 -8.24 11.21
CA THR B 69 -8.36 -9.36 10.82
C THR B 69 -8.87 -10.82 10.78
N ARG B 70 -9.48 -11.31 11.88
CA ARG B 70 -9.81 -12.74 12.01
C ARG B 70 -10.54 -13.26 10.77
N TYR B 71 -10.21 -14.48 10.34
CA TYR B 71 -11.19 -14.93 9.33
C TYR B 71 -12.54 -15.16 10.02
N GLU B 72 -13.65 -14.72 9.44
CA GLU B 72 -14.82 -15.05 10.26
C GLU B 72 -15.72 -16.12 9.71
N ARG B 73 -15.44 -17.36 10.18
CA ARG B 73 -15.50 -18.59 9.33
C ARG B 73 -16.73 -19.01 8.54
N ASN B 74 -17.85 -19.22 9.23
CA ASN B 74 -19.14 -19.27 8.48
C ASN B 74 -20.13 -18.08 8.70
N ILE B 75 -19.49 -16.90 8.72
CA ILE B 75 -20.10 -15.58 8.91
C ILE B 75 -19.97 -14.68 7.71
N GLU B 76 -18.69 -14.56 7.28
CA GLU B 76 -18.41 -13.58 6.24
C GLU B 76 -18.15 -14.10 4.84
N LYS B 77 -18.65 -13.34 3.89
CA LYS B 77 -18.38 -13.78 2.52
C LYS B 77 -17.46 -12.88 1.74
N ILE B 78 -16.44 -13.55 1.26
CA ILE B 78 -15.57 -13.03 0.23
C ILE B 78 -16.14 -13.20 -1.14
N SER B 79 -16.04 -12.16 -1.91
CA SER B 79 -16.41 -12.40 -3.30
C SER B 79 -15.60 -11.53 -4.21
N MET B 80 -15.99 -11.50 -5.45
CA MET B 80 -15.13 -10.79 -6.38
C MET B 80 -15.96 -10.18 -7.46
N LEU B 81 -15.31 -9.34 -8.22
CA LEU B 81 -16.17 -8.37 -8.90
C LEU B 81 -16.28 -8.60 -10.37
N GLU B 82 -17.41 -8.20 -10.87
CA GLU B 82 -17.50 -8.32 -12.31
C GLU B 82 -17.05 -7.10 -13.06
N LYS B 83 -17.54 -5.96 -12.61
CA LYS B 83 -17.22 -4.68 -13.25
C LYS B 83 -17.09 -3.58 -12.21
N ILE B 84 -16.63 -2.39 -12.62
CA ILE B 84 -16.61 -1.20 -11.77
C ILE B 84 -17.10 0.07 -12.46
N TYR B 85 -17.87 0.88 -11.71
CA TYR B 85 -18.38 2.12 -12.29
C TYR B 85 -18.09 3.38 -11.54
N ILE B 86 -17.26 4.26 -12.11
CA ILE B 86 -16.99 5.50 -11.37
C ILE B 86 -17.83 6.69 -11.85
N HIS B 87 -18.31 7.56 -10.97
CA HIS B 87 -19.03 8.67 -11.64
C HIS B 87 -18.22 9.43 -12.70
N PRO B 88 -18.70 9.42 -13.94
CA PRO B 88 -17.84 9.84 -15.05
C PRO B 88 -17.72 11.34 -15.24
N ARG B 89 -17.25 11.97 -14.17
CA ARG B 89 -17.32 13.41 -13.87
C ARG B 89 -16.86 13.67 -12.45
N TYR B 90 -16.38 12.59 -11.90
CA TYR B 90 -15.60 12.60 -10.68
C TYR B 90 -14.51 13.59 -10.82
N ASN B 91 -14.44 14.60 -9.97
CA ASN B 91 -13.25 15.45 -10.00
C ASN B 91 -12.25 15.14 -8.92
N TRP B 92 -11.48 14.14 -9.22
CA TRP B 92 -10.37 13.84 -8.30
C TRP B 92 -9.35 14.97 -8.05
N ARG B 93 -9.39 15.94 -8.95
CA ARG B 93 -8.17 16.77 -8.98
C ARG B 93 -8.21 18.01 -8.16
N GLU B 94 -9.37 18.66 -8.22
CA GLU B 94 -9.57 19.91 -7.49
C GLU B 94 -10.17 19.72 -6.08
N ASN B 95 -11.24 18.93 -6.01
CA ASN B 95 -12.00 18.84 -4.74
C ASN B 95 -12.73 17.54 -4.50
N LEU B 96 -12.31 16.45 -5.12
CA LEU B 96 -13.08 15.19 -4.99
C LEU B 96 -14.55 15.26 -5.24
N ASP B 97 -15.02 16.28 -5.92
CA ASP B 97 -16.42 16.22 -6.30
C ASP B 97 -16.80 14.93 -6.96
N ARG B 98 -17.97 14.51 -6.53
CA ARG B 98 -18.72 13.42 -7.16
C ARG B 98 -18.13 12.07 -6.97
N ASP B 99 -17.32 11.99 -5.94
CA ASP B 99 -16.77 10.76 -5.41
C ASP B 99 -17.76 9.64 -5.20
N ILE B 100 -18.26 9.06 -6.27
CA ILE B 100 -19.05 7.84 -6.09
C ILE B 100 -18.62 6.73 -7.02
N ALA B 101 -18.87 5.52 -6.57
CA ALA B 101 -18.60 4.38 -7.46
C ALA B 101 -19.46 3.15 -7.20
N LEU B 102 -20.03 2.64 -8.28
CA LEU B 102 -20.73 1.35 -8.21
C LEU B 102 -19.90 0.14 -8.63
N MET B 103 -19.85 -0.83 -7.76
CA MET B 103 -19.14 -2.08 -8.08
C MET B 103 -20.05 -3.32 -8.19
N LYS B 104 -19.95 -4.06 -9.28
CA LYS B 104 -20.90 -5.18 -9.50
C LYS B 104 -20.41 -6.59 -9.16
N LEU B 105 -20.92 -7.22 -8.11
CA LEU B 105 -20.37 -8.54 -7.74
C LEU B 105 -20.55 -9.68 -8.78
N LYS B 106 -19.52 -10.55 -8.98
CA LYS B 106 -19.58 -11.65 -10.01
C LYS B 106 -20.70 -12.66 -9.87
N LYS B 107 -21.06 -12.72 -8.61
CA LYS B 107 -22.09 -13.62 -8.18
C LYS B 107 -22.80 -13.04 -6.95
N PRO B 108 -24.14 -12.98 -7.02
CA PRO B 108 -24.94 -12.34 -5.95
C PRO B 108 -24.92 -12.98 -4.55
N VAL B 109 -24.94 -12.11 -3.55
CA VAL B 109 -24.64 -12.72 -2.24
C VAL B 109 -25.84 -13.22 -1.43
N ALA B 110 -25.57 -14.19 -0.59
CA ALA B 110 -26.65 -14.75 0.21
C ALA B 110 -26.87 -14.00 1.46
N PHE B 111 -27.99 -13.29 1.52
CA PHE B 111 -28.22 -12.53 2.76
C PHE B 111 -28.27 -13.31 4.03
N SER B 112 -28.07 -12.63 5.13
CA SER B 112 -27.89 -13.38 6.36
C SER B 112 -28.14 -12.54 7.61
N ASP B 113 -27.84 -13.11 8.79
CA ASP B 113 -27.91 -12.40 10.08
C ASP B 113 -27.01 -11.23 10.18
N TYR B 114 -26.01 -11.38 9.30
CA TYR B 114 -24.88 -10.48 9.15
C TYR B 114 -24.76 -9.75 7.79
N ILE B 115 -25.51 -10.21 6.80
CA ILE B 115 -25.37 -9.66 5.46
C ILE B 115 -26.71 -9.17 4.86
N HIS B 116 -26.90 -7.85 4.83
CA HIS B 116 -28.22 -7.31 4.42
C HIS B 116 -28.11 -5.93 3.80
N PRO B 117 -28.94 -5.61 2.80
CA PRO B 117 -28.87 -4.28 2.20
C PRO B 117 -29.29 -3.08 3.06
N VAL B 118 -28.77 -1.92 2.65
CA VAL B 118 -29.22 -0.65 3.25
C VAL B 118 -30.10 -0.02 2.24
N CYS B 119 -30.90 0.97 2.61
CA CYS B 119 -31.75 1.46 1.50
C CYS B 119 -31.29 2.79 0.88
N LEU B 120 -31.52 2.92 -0.40
CA LEU B 120 -31.21 4.24 -0.91
C LEU B 120 -32.31 5.26 -0.59
N PRO B 121 -31.89 6.47 -0.23
CA PRO B 121 -32.92 7.43 0.11
C PRO B 121 -33.75 7.86 -1.08
N ASP B 122 -34.96 8.35 -0.75
CA ASP B 122 -35.96 8.93 -1.70
C ASP B 122 -36.25 10.41 -1.44
N ARG B 123 -36.76 11.14 -2.44
CA ARG B 123 -37.03 12.57 -2.16
C ARG B 123 -37.50 12.99 -0.77
N GLU B 124 -38.55 12.32 -0.36
CA GLU B 124 -39.13 12.74 0.90
C GLU B 124 -38.38 12.27 2.13
N THR B 125 -37.51 11.29 1.92
CA THR B 125 -36.64 10.94 3.05
C THR B 125 -35.33 11.68 3.10
N ALA B 126 -34.91 12.14 1.93
CA ALA B 126 -33.86 13.15 1.91
C ALA B 126 -34.21 14.43 2.69
N ALA B 127 -35.20 15.12 2.13
CA ALA B 127 -35.85 16.32 2.72
C ALA B 127 -36.13 16.46 4.21
N SER B 128 -36.61 15.32 4.80
CA SER B 128 -36.92 15.24 6.27
C SER B 128 -35.75 15.02 7.19
N LEU B 129 -34.80 14.26 6.68
CA LEU B 129 -33.70 13.76 7.48
C LEU B 129 -32.35 14.43 7.26
N LEU B 130 -32.06 14.89 6.04
CA LEU B 130 -30.81 15.65 6.00
C LEU B 130 -30.95 17.08 6.45
N GLN B 131 -30.84 17.29 7.76
CA GLN B 131 -30.96 18.64 8.32
C GLN B 131 -30.08 18.98 9.53
N ALA B 132 -29.66 20.23 9.59
CA ALA B 132 -28.68 20.60 10.61
C ALA B 132 -28.97 20.07 11.96
N GLY B 133 -27.96 19.63 12.63
CA GLY B 133 -28.32 19.06 13.92
C GLY B 133 -28.74 17.60 13.98
N TYR B 134 -29.29 17.11 12.89
CA TYR B 134 -29.59 15.66 12.90
C TYR B 134 -28.42 14.67 12.76
N LYS B 135 -28.36 13.73 13.70
CA LYS B 135 -27.22 12.82 13.69
C LYS B 135 -27.44 11.75 12.68
N GLY B 136 -26.33 11.24 12.19
CA GLY B 136 -26.30 10.02 11.36
C GLY B 136 -25.28 9.08 11.92
N ARG B 137 -25.14 7.94 11.30
CA ARG B 137 -24.10 7.07 11.84
C ARG B 137 -23.06 6.64 10.81
N VAL B 138 -21.81 6.66 11.26
CA VAL B 138 -20.75 6.34 10.30
C VAL B 138 -20.09 5.04 10.73
N THR B 139 -19.71 4.20 9.76
CA THR B 139 -19.01 2.93 10.09
C THR B 139 -17.68 2.56 9.47
N GLY B 140 -16.80 2.09 10.35
CA GLY B 140 -15.62 1.51 9.72
C GLY B 140 -14.54 0.84 10.55
N TRP B 141 -13.77 0.02 9.86
CA TRP B 141 -12.42 -0.28 10.40
C TRP B 141 -11.56 0.79 9.83
N GLY B 142 -10.50 1.23 10.53
CA GLY B 142 -9.78 2.42 10.01
C GLY B 142 -9.36 3.39 11.09
N ASN B 143 -8.25 4.12 10.93
CA ASN B 143 -7.39 4.46 12.11
C ASN B 143 -8.03 5.17 13.26
N LEU B 144 -7.32 5.14 14.35
CA LEU B 144 -7.94 5.65 15.55
C LEU B 144 -7.62 7.08 15.91
N LYS B 145 -6.77 7.68 15.07
CA LYS B 145 -6.20 9.02 15.28
C LYS B 145 -5.70 9.64 13.99
N GLU B 146 -4.76 10.57 14.11
CA GLU B 146 -4.04 10.90 12.90
C GLU B 146 -2.67 10.24 12.70
N THR B 147 -2.66 8.93 12.44
CA THR B 147 -1.49 8.22 11.80
C THR B 147 -1.19 8.64 10.35
N TRP B 148 -0.81 9.91 10.38
CA TRP B 148 -0.47 10.87 9.32
C TRP B 148 0.98 11.37 9.63
N THR B 149 1.21 11.62 10.93
CA THR B 149 2.35 10.88 11.52
C THR B 149 1.94 9.65 12.40
N ALA B 150 2.79 8.63 12.47
CA ALA B 150 2.50 7.63 13.52
C ALA B 150 2.42 8.35 14.92
N ASN B 151 1.75 7.83 15.94
CA ASN B 151 0.98 8.93 16.59
C ASN B 151 0.70 8.73 18.13
N VAL B 152 -0.40 9.35 18.59
CA VAL B 152 -0.69 9.40 20.05
C VAL B 152 -1.81 8.49 20.65
N GLY B 153 -1.60 7.16 20.64
CA GLY B 153 -2.66 6.20 21.11
C GLY B 153 -3.01 4.91 20.28
N LYS B 154 -4.31 4.70 20.08
CA LYS B 154 -4.67 3.48 19.34
C LYS B 154 -4.31 3.47 17.84
N GLY B 155 -4.26 2.27 17.27
CA GLY B 155 -3.78 2.33 15.89
C GLY B 155 -4.88 2.30 14.88
N GLN B 156 -4.97 1.11 14.33
CA GLN B 156 -6.14 0.63 13.61
C GLN B 156 -6.86 -0.44 14.45
N PRO B 157 -8.20 -0.40 14.48
CA PRO B 157 -8.88 -1.04 15.60
C PRO B 157 -9.20 -2.45 15.29
N SER B 158 -9.33 -3.26 16.31
CA SER B 158 -9.48 -4.72 16.06
C SER B 158 -10.77 -5.19 15.43
N VAL B 159 -11.71 -4.27 15.50
CA VAL B 159 -13.09 -4.61 15.18
C VAL B 159 -13.97 -3.42 14.78
N LEU B 160 -14.86 -3.62 13.80
CA LEU B 160 -15.69 -2.55 13.24
C LEU B 160 -16.14 -1.55 14.24
N GLN B 161 -16.01 -0.27 13.97
CA GLN B 161 -16.44 0.68 14.99
C GLN B 161 -17.42 1.74 14.55
N VAL B 162 -18.19 2.27 15.50
CA VAL B 162 -19.26 3.25 15.20
C VAL B 162 -19.15 4.59 15.92
N VAL B 163 -19.86 5.56 15.34
CA VAL B 163 -19.87 6.93 15.86
C VAL B 163 -21.13 7.71 15.39
N ASN B 164 -21.70 8.54 16.27
CA ASN B 164 -22.85 9.27 15.72
C ASN B 164 -22.53 10.72 15.55
N LEU B 165 -22.81 11.20 14.36
CA LEU B 165 -22.38 12.57 14.08
C LEU B 165 -23.52 13.44 13.59
N PRO B 166 -23.63 14.68 14.10
CA PRO B 166 -24.69 15.57 13.65
C PRO B 166 -24.30 16.16 12.33
N ILE B 167 -25.27 16.41 11.48
CA ILE B 167 -24.94 17.14 10.26
C ILE B 167 -24.65 18.66 10.47
N VAL B 168 -23.76 19.25 9.67
CA VAL B 168 -23.53 20.69 9.91
C VAL B 168 -24.21 21.56 8.86
N GLU B 169 -24.47 22.82 9.21
CA GLU B 169 -25.10 23.56 8.13
C GLU B 169 -24.13 24.17 7.15
N ARG B 170 -24.60 24.36 5.93
CA ARG B 170 -23.67 24.66 4.81
C ARG B 170 -22.60 25.71 4.97
N PRO B 171 -22.96 26.94 5.34
CA PRO B 171 -21.93 27.93 5.58
C PRO B 171 -20.85 27.43 6.53
N VAL B 172 -21.24 26.88 7.65
CA VAL B 172 -20.17 26.35 8.51
C VAL B 172 -19.22 25.37 7.81
N CYS B 173 -19.87 24.59 6.94
CA CYS B 173 -18.97 23.77 6.16
C CYS B 173 -18.18 24.69 5.27
N LYS B 174 -18.87 25.45 4.43
CA LYS B 174 -18.23 26.32 3.42
C LYS B 174 -17.05 27.12 3.94
N ASP B 175 -17.22 27.59 5.16
CA ASP B 175 -16.17 28.34 5.88
C ASP B 175 -15.12 27.56 6.67
N SER B 176 -15.16 26.25 6.65
CA SER B 176 -14.09 25.59 7.44
C SER B 176 -12.93 25.09 6.69
N THR B 177 -13.07 25.18 5.41
CA THR B 177 -12.06 24.65 4.48
C THR B 177 -11.72 25.65 3.36
N ARG B 178 -10.47 25.59 2.87
CA ARG B 178 -10.22 26.42 1.67
C ARG B 178 -10.71 25.79 0.37
N ILE B 179 -11.22 24.56 0.51
CA ILE B 179 -11.46 23.72 -0.67
C ILE B 179 -12.85 23.88 -1.24
N ARG B 180 -12.98 23.98 -2.57
CA ARG B 180 -14.35 24.30 -2.96
C ARG B 180 -15.31 23.14 -2.90
N ILE B 181 -16.07 23.17 -1.80
CA ILE B 181 -17.34 22.48 -1.58
C ILE B 181 -18.28 22.56 -2.76
N THR B 182 -18.96 21.45 -2.97
CA THR B 182 -20.05 21.44 -3.96
C THR B 182 -21.37 20.87 -3.52
N ASP B 183 -22.38 21.06 -4.36
CA ASP B 183 -23.72 20.58 -3.96
C ASP B 183 -23.87 19.07 -3.78
N ASN B 184 -22.85 18.35 -4.25
CA ASN B 184 -22.84 16.89 -4.12
C ASN B 184 -22.12 16.47 -2.91
N MET B 185 -22.26 17.28 -1.84
CA MET B 185 -21.51 17.02 -0.59
C MET B 185 -21.94 17.73 0.70
N PHE B 186 -22.07 16.96 1.74
CA PHE B 186 -22.50 17.61 2.96
C PHE B 186 -21.55 17.30 4.05
N CYS B 187 -21.52 18.11 5.09
CA CYS B 187 -20.55 17.67 6.08
C CYS B 187 -21.13 17.13 7.36
N ALA B 188 -20.31 16.87 8.36
CA ALA B 188 -20.90 16.51 9.65
C ALA B 188 -19.91 16.35 10.78
N GLY B 189 -20.40 16.23 11.98
CA GLY B 189 -19.45 16.21 13.09
C GLY B 189 -19.60 17.36 14.07
N TYR B 190 -18.91 17.29 15.19
CA TYR B 190 -19.22 18.37 16.13
C TYR B 190 -18.56 19.77 15.93
N LYS B 191 -19.18 20.75 16.56
CA LYS B 191 -18.60 22.10 16.64
C LYS B 191 -17.71 22.30 17.83
N PRO B 192 -16.58 22.93 17.68
CA PRO B 192 -15.61 22.95 18.79
C PRO B 192 -16.16 23.14 20.21
N ASP B 193 -17.13 24.05 20.31
CA ASP B 193 -17.84 24.19 21.60
C ASP B 193 -18.86 23.13 22.05
N GLU B 194 -19.43 22.39 21.09
CA GLU B 194 -20.50 21.40 21.41
C GLU B 194 -20.00 20.33 22.34
N GLY B 195 -18.69 20.19 22.36
CA GLY B 195 -18.20 19.35 23.45
C GLY B 195 -18.20 17.82 23.28
N LYS B 196 -18.27 17.39 22.01
CA LYS B 196 -17.98 15.99 21.69
C LYS B 196 -17.05 15.89 20.51
N ARG B 197 -16.43 14.74 20.47
CA ARG B 197 -15.49 14.50 19.38
C ARG B 197 -15.98 13.38 18.49
N GLY B 198 -15.10 13.00 17.59
CA GLY B 198 -15.48 11.85 16.77
C GLY B 198 -15.64 12.25 15.34
N ASP B 199 -15.09 11.41 14.47
CA ASP B 199 -15.05 11.68 13.01
C ASP B 199 -14.56 10.44 12.34
N ALA B 200 -14.83 10.35 11.04
CA ALA B 200 -14.19 9.32 10.23
C ALA B 200 -12.71 9.62 10.09
N CYS B 201 -11.92 8.63 9.64
CA CYS B 201 -10.44 8.78 9.44
C CYS B 201 -9.89 7.81 8.42
N GLU B 202 -8.62 7.90 8.18
CA GLU B 202 -8.18 7.15 7.01
C GLU B 202 -8.36 5.65 7.13
N GLY B 203 -8.93 5.11 6.07
CA GLY B 203 -9.43 3.73 6.15
C GLY B 203 -10.97 3.69 6.06
N ASP B 204 -11.60 4.78 6.46
CA ASP B 204 -13.05 4.76 6.43
C ASP B 204 -13.58 5.22 5.10
N SER B 205 -12.75 5.78 4.26
CA SER B 205 -13.32 6.32 3.00
C SER B 205 -14.25 5.31 2.31
N GLY B 206 -15.34 5.75 1.72
CA GLY B 206 -16.21 4.74 1.08
C GLY B 206 -17.29 4.11 1.93
N GLY B 207 -17.05 4.02 3.23
CA GLY B 207 -18.14 3.50 4.07
C GLY B 207 -19.42 4.33 4.07
N PRO B 208 -20.51 3.81 4.67
CA PRO B 208 -21.74 4.58 4.63
C PRO B 208 -21.91 5.51 5.83
N PHE B 209 -22.62 6.58 5.57
CA PHE B 209 -23.15 7.41 6.64
C PHE B 209 -24.60 7.21 6.53
N VAL B 210 -25.15 6.71 7.62
CA VAL B 210 -26.58 6.35 7.53
C VAL B 210 -27.45 7.08 8.49
N MET B 211 -28.68 7.15 8.14
CA MET B 211 -29.63 7.54 9.17
C MET B 211 -30.84 6.60 9.37
N LYS B 212 -31.47 6.74 10.54
CA LYS B 212 -32.65 5.88 10.73
C LYS B 212 -34.01 6.56 10.55
N SER B 213 -34.76 6.10 9.57
CA SER B 213 -36.08 6.75 9.24
C SER B 213 -37.24 6.56 10.25
N PRO B 214 -37.67 7.59 11.03
CA PRO B 214 -38.75 7.36 12.02
C PRO B 214 -40.12 7.13 11.40
N PHE B 215 -40.22 7.39 10.11
CA PHE B 215 -41.48 6.96 9.51
C PHE B 215 -41.67 5.48 9.14
N ASN B 216 -40.61 4.79 8.71
CA ASN B 216 -40.81 3.34 8.46
C ASN B 216 -39.85 2.40 9.12
N ASN B 217 -39.15 2.97 10.08
CA ASN B 217 -38.22 2.20 10.88
C ASN B 217 -37.00 1.59 10.18
N ARG B 218 -36.78 2.07 8.97
CA ARG B 218 -35.68 1.62 8.13
C ARG B 218 -34.40 2.48 8.08
N TRP B 219 -33.31 1.74 7.89
CA TRP B 219 -32.00 2.32 7.66
C TRP B 219 -31.67 2.87 6.29
N TYR B 220 -31.07 4.07 6.32
CA TYR B 220 -30.86 4.73 5.03
C TYR B 220 -29.43 5.19 4.72
N GLN B 221 -28.94 4.86 3.52
CA GLN B 221 -27.61 5.42 3.23
C GLN B 221 -27.73 6.82 2.68
N MET B 222 -27.50 7.77 3.59
CA MET B 222 -27.62 9.18 3.14
C MET B 222 -26.35 9.78 2.41
N GLY B 223 -25.21 9.30 2.93
CA GLY B 223 -23.90 9.68 2.36
C GLY B 223 -22.81 8.61 2.47
N ILE B 224 -21.78 8.76 1.66
CA ILE B 224 -20.55 7.94 1.63
C ILE B 224 -19.35 8.70 2.18
N VAL B 225 -18.54 8.10 3.04
CA VAL B 225 -17.37 8.85 3.54
C VAL B 225 -16.33 9.20 2.49
N SER B 226 -16.14 10.49 2.28
CA SER B 226 -15.43 10.97 1.09
C SER B 226 -14.15 11.63 1.50
N TRP B 227 -14.24 12.78 2.11
CA TRP B 227 -12.94 13.37 2.46
C TRP B 227 -12.86 14.19 3.72
N GLY B 228 -11.67 14.76 3.91
CA GLY B 228 -11.41 15.51 5.13
C GLY B 228 -9.99 15.99 5.23
N GLU B 229 -9.85 17.14 5.82
CA GLU B 229 -8.48 17.55 6.17
C GLU B 229 -8.04 16.97 7.49
N GLY B 230 -7.57 15.75 7.48
CA GLY B 230 -7.29 15.22 8.83
C GLY B 230 -8.35 14.37 9.58
N CYS B 231 -8.05 14.06 10.82
CA CYS B 231 -9.09 13.36 11.56
C CYS B 231 -9.45 14.06 12.82
N ASP B 232 -10.72 14.30 13.04
CA ASP B 232 -10.98 14.96 14.35
C ASP B 232 -10.29 16.31 14.81
N ARG B 233 -10.10 17.19 13.84
CA ARG B 233 -9.57 18.50 14.22
C ARG B 233 -10.61 19.55 14.61
N ASP B 234 -10.52 20.06 15.84
CA ASP B 234 -11.46 21.12 16.29
C ASP B 234 -11.90 22.12 15.26
N GLY B 235 -13.15 22.09 14.89
CA GLY B 235 -13.50 23.17 13.95
C GLY B 235 -13.22 22.92 12.50
N LYS B 236 -12.83 21.68 12.20
CA LYS B 236 -12.96 21.14 10.83
C LYS B 236 -14.06 20.07 10.75
N TYR B 237 -14.76 20.00 9.62
CA TYR B 237 -15.82 18.97 9.53
C TYR B 237 -15.63 17.93 8.42
N GLY B 238 -16.17 16.74 8.63
CA GLY B 238 -15.91 15.73 7.59
C GLY B 238 -16.82 15.79 6.33
N PHE B 239 -16.26 15.50 5.14
CA PHE B 239 -17.17 15.60 3.98
C PHE B 239 -17.71 14.32 3.37
N TYR B 240 -19.01 14.31 3.18
CA TYR B 240 -19.62 13.04 2.77
C TYR B 240 -20.29 13.23 1.44
N THR B 241 -20.27 12.19 0.59
CA THR B 241 -20.92 12.25 -0.72
C THR B 241 -22.42 12.20 -0.68
N HIS B 242 -23.06 13.21 -1.26
CA HIS B 242 -24.49 13.21 -1.11
C HIS B 242 -25.08 12.11 -1.94
N VAL B 243 -25.52 11.01 -1.32
CA VAL B 243 -26.03 9.92 -2.21
C VAL B 243 -27.30 10.24 -2.97
N PHE B 244 -28.20 10.87 -2.24
CA PHE B 244 -29.42 11.24 -2.95
C PHE B 244 -29.20 12.16 -4.14
N ARG B 245 -28.37 13.21 -3.96
CA ARG B 245 -28.21 14.06 -5.16
C ARG B 245 -27.58 13.44 -6.38
N LEU B 246 -27.00 12.28 -6.08
CA LEU B 246 -26.55 11.43 -7.17
C LEU B 246 -27.48 10.29 -7.61
N LYS B 247 -28.61 10.09 -6.93
CA LYS B 247 -29.45 8.92 -7.29
C LYS B 247 -29.75 8.53 -8.74
N LYS B 248 -29.87 9.49 -9.65
CA LYS B 248 -30.21 8.97 -11.00
C LYS B 248 -29.16 8.09 -11.68
N TRP B 249 -27.93 8.54 -11.51
CA TRP B 249 -26.78 7.73 -11.91
C TRP B 249 -26.81 6.30 -11.27
N ILE B 250 -26.76 6.17 -9.94
CA ILE B 250 -27.07 4.85 -9.34
C ILE B 250 -28.20 4.07 -9.99
N GLN B 251 -29.29 4.77 -10.31
CA GLN B 251 -30.34 4.05 -11.07
C GLN B 251 -29.99 3.57 -12.47
N LYS B 252 -29.42 4.49 -13.20
CA LYS B 252 -29.05 4.16 -14.57
C LYS B 252 -28.12 2.96 -14.65
N VAL B 253 -27.06 2.98 -13.84
CA VAL B 253 -26.24 1.79 -14.01
C VAL B 253 -26.82 0.47 -13.48
N ILE B 254 -27.54 0.52 -12.40
CA ILE B 254 -28.27 -0.76 -12.22
C ILE B 254 -29.36 -1.06 -13.25
N ASP B 255 -30.07 -0.09 -13.80
CA ASP B 255 -30.87 -0.52 -14.97
C ASP B 255 -30.13 -0.70 -16.32
N GLN B 256 -28.87 -1.08 -16.18
CA GLN B 256 -28.18 -1.73 -17.31
C GLN B 256 -28.27 -3.23 -17.32
N PHE B 257 -27.53 -3.90 -16.40
CA PHE B 257 -27.83 -5.32 -16.58
C PHE B 257 -28.72 -6.12 -15.61
N GLY B 258 -29.33 -7.15 -16.23
CA GLY B 258 -30.09 -8.17 -15.49
C GLY B 258 -30.92 -9.25 -16.22
N GLU B 259 -32.18 -9.24 -15.74
CA GLU B 259 -33.15 -10.31 -15.37
C GLU B 259 -34.51 -9.69 -15.16
N THR C 1 16.61 -1.98 -26.73
CA THR C 1 15.54 -3.01 -26.48
C THR C 1 15.88 -4.28 -25.65
N PHE C 2 16.07 -5.46 -26.29
CA PHE C 2 16.70 -6.67 -25.63
C PHE C 2 18.03 -6.43 -24.81
N GLY C 3 19.14 -6.32 -25.59
CA GLY C 3 20.27 -5.36 -25.38
C GLY C 3 21.35 -5.59 -24.30
N SER C 4 21.96 -6.80 -24.31
CA SER C 4 21.94 -7.62 -23.05
C SER C 4 22.50 -9.08 -22.96
N GLY C 5 22.27 -9.85 -24.02
CA GLY C 5 22.39 -11.31 -23.84
C GLY C 5 21.19 -11.99 -23.15
N GLU C 6 21.02 -11.63 -21.84
CA GLU C 6 19.75 -11.90 -21.11
C GLU C 6 19.48 -13.37 -20.70
N ALA C 7 19.18 -14.24 -21.69
CA ALA C 7 18.95 -15.68 -21.50
C ALA C 7 19.43 -16.32 -20.22
N ASP C 8 20.75 -16.43 -20.04
CA ASP C 8 21.36 -16.96 -18.77
C ASP C 8 21.37 -16.07 -17.49
N CYS C 9 20.41 -15.14 -17.45
CA CYS C 9 20.38 -14.29 -16.26
C CYS C 9 20.11 -15.08 -15.03
N GLY C 10 20.71 -14.68 -13.93
CA GLY C 10 20.36 -15.31 -12.66
C GLY C 10 20.85 -16.71 -12.47
N LEU C 11 21.58 -17.21 -13.44
CA LEU C 11 22.19 -18.50 -13.14
C LEU C 11 23.67 -18.45 -12.73
N ARG C 12 23.94 -18.42 -11.42
CA ARG C 12 25.35 -18.31 -11.03
C ARG C 12 26.26 -19.43 -11.59
N PRO C 13 27.33 -19.07 -12.32
CA PRO C 13 28.35 -20.08 -12.67
C PRO C 13 29.27 -20.74 -11.61
N LEU C 14 29.13 -20.52 -10.31
CA LEU C 14 29.87 -21.44 -9.40
C LEU C 14 28.98 -22.27 -8.48
N PHE C 15 27.70 -22.16 -8.85
CA PHE C 15 26.60 -22.60 -7.99
C PHE C 15 25.50 -23.34 -8.72
N GLU C 16 24.65 -22.61 -9.41
CA GLU C 16 23.73 -23.30 -10.32
C GLU C 16 24.43 -24.11 -11.40
N LYS C 17 25.15 -23.37 -12.28
CA LYS C 17 25.82 -24.00 -13.44
C LYS C 17 26.74 -25.14 -13.17
N LYS C 18 27.12 -25.28 -11.91
CA LYS C 18 27.69 -26.60 -11.63
C LYS C 18 27.16 -27.30 -10.36
N SER C 19 25.85 -27.17 -10.32
CA SER C 19 24.93 -27.82 -9.37
C SER C 19 25.32 -27.93 -7.90
N LEU C 20 25.66 -26.78 -7.35
CA LEU C 20 25.71 -26.63 -5.89
C LEU C 20 24.89 -25.46 -5.31
N GLU C 21 24.86 -25.51 -4.00
CA GLU C 21 24.16 -24.41 -3.35
C GLU C 21 25.09 -23.69 -2.41
N ASP C 22 24.87 -22.39 -2.22
CA ASP C 22 25.68 -21.74 -1.14
C ASP C 22 25.14 -21.99 0.25
N LYS C 23 25.89 -21.75 1.32
CA LYS C 23 25.26 -22.01 2.64
C LYS C 23 23.77 -21.58 2.90
N THR C 24 23.50 -20.29 2.78
CA THR C 24 22.13 -19.86 3.12
C THR C 24 21.04 -19.79 2.02
N GLU C 25 21.29 -20.57 0.98
CA GLU C 25 20.23 -20.57 -0.04
C GLU C 25 19.00 -21.41 0.33
N ARG C 26 19.27 -22.54 0.98
CA ARG C 26 18.16 -23.46 1.33
C ARG C 26 17.11 -22.80 2.20
N GLU C 27 17.54 -21.81 3.00
CA GLU C 27 16.59 -21.13 3.91
C GLU C 27 15.63 -20.10 3.34
N LEU C 28 16.00 -19.60 2.19
CA LEU C 28 15.02 -18.67 1.63
C LEU C 28 14.01 -19.43 0.80
N LEU C 29 14.51 -20.59 0.47
CA LEU C 29 13.59 -21.57 -0.08
C LEU C 29 12.74 -22.36 0.94
N GLU C 30 13.38 -23.07 1.87
CA GLU C 30 12.75 -23.60 3.11
C GLU C 30 11.59 -22.74 3.64
N SER C 31 11.98 -21.74 4.35
CA SER C 31 11.02 -20.71 4.73
C SER C 31 10.55 -19.86 3.55
N TYR C 32 9.60 -20.48 2.86
CA TYR C 32 8.64 -19.66 2.14
C TYR C 32 7.30 -19.29 2.94
N ILE C 33 7.53 -18.60 4.10
CA ILE C 33 6.69 -18.41 5.34
C ILE C 33 6.75 -19.61 6.27
N ASP C 34 5.85 -20.59 5.97
CA ASP C 34 5.70 -21.74 6.87
C ASP C 34 6.31 -22.94 6.13
N GLY C 35 5.56 -23.39 5.13
CA GLY C 35 6.15 -24.31 4.17
C GLY C 35 6.83 -23.69 2.95
N ARG C 36 7.56 -24.55 2.34
CA ARG C 36 7.61 -24.62 0.89
C ARG C 36 7.20 -26.04 0.61
N ILE D 1 25.43 -4.12 6.02
CA ILE D 1 24.56 -5.25 6.45
C ILE D 1 24.69 -5.64 7.94
N VAL D 2 23.79 -5.16 8.82
CA VAL D 2 23.78 -5.58 10.22
C VAL D 2 23.39 -7.03 10.29
N GLU D 3 24.03 -7.78 11.17
CA GLU D 3 23.76 -9.23 11.28
C GLU D 3 23.89 -10.14 10.05
N GLY D 4 25.02 -10.05 9.39
CA GLY D 4 25.11 -11.00 8.30
C GLY D 4 26.34 -11.89 8.31
N SER D 5 26.41 -12.62 7.20
CA SER D 5 27.55 -13.52 7.00
C SER D 5 28.40 -12.95 5.90
N ASP D 6 29.60 -13.48 5.81
CA ASP D 6 30.43 -13.22 4.61
C ASP D 6 29.89 -13.93 3.40
N ALA D 7 29.92 -13.25 2.27
CA ALA D 7 29.46 -13.96 1.10
C ALA D 7 30.47 -14.97 0.65
N GLU D 8 29.98 -16.01 0.01
CA GLU D 8 30.90 -16.96 -0.61
C GLU D 8 31.32 -16.50 -2.00
N ILE D 9 32.61 -16.55 -2.27
CA ILE D 9 32.99 -16.21 -3.66
C ILE D 9 32.20 -16.90 -4.76
N GLY D 10 31.64 -16.09 -5.64
CA GLY D 10 30.66 -16.64 -6.59
C GLY D 10 29.16 -16.43 -6.26
N MET D 11 28.86 -16.35 -4.94
CA MET D 11 27.48 -16.15 -4.50
C MET D 11 26.65 -15.14 -5.28
N SER D 12 27.19 -13.94 -5.36
CA SER D 12 26.40 -12.84 -5.88
C SER D 12 27.02 -12.05 -7.03
N PRO D 13 27.05 -12.62 -8.23
CA PRO D 13 27.76 -11.97 -9.37
C PRO D 13 27.13 -10.79 -10.13
N TRP D 14 25.96 -10.37 -9.68
CA TRP D 14 25.34 -9.13 -10.23
C TRP D 14 25.70 -7.87 -9.43
N GLN D 15 26.41 -8.18 -8.38
CA GLN D 15 26.72 -7.20 -7.35
C GLN D 15 27.80 -6.28 -7.78
N VAL D 16 27.38 -5.04 -7.98
CA VAL D 16 28.24 -3.93 -8.42
C VAL D 16 28.39 -2.77 -7.42
N MET D 17 29.60 -2.56 -6.94
CA MET D 17 30.04 -1.38 -6.17
C MET D 17 29.99 -0.03 -6.91
N LEU D 18 29.41 1.03 -6.31
CA LEU D 18 29.40 2.36 -6.94
C LEU D 18 30.45 3.24 -6.34
N PHE D 19 31.11 3.96 -7.24
CA PHE D 19 32.24 4.77 -6.81
C PHE D 19 32.23 6.21 -7.27
N ARG D 20 32.88 6.96 -6.38
CA ARG D 20 33.25 8.29 -6.85
C ARG D 20 34.73 8.33 -7.23
N LYS D 21 35.07 9.07 -8.28
CA LYS D 21 36.51 9.02 -8.62
C LYS D 21 37.39 9.93 -7.77
N SER D 22 37.00 11.21 -7.80
CA SER D 22 37.71 12.24 -7.01
C SER D 22 36.79 13.07 -6.12
N PRO D 23 36.97 12.82 -4.79
CA PRO D 23 37.92 11.82 -4.26
C PRO D 23 37.34 10.46 -4.48
N GLN D 24 38.14 9.46 -4.22
CA GLN D 24 37.41 8.21 -4.22
C GLN D 24 36.98 7.77 -2.88
N GLU D 25 35.66 7.59 -2.97
CA GLU D 25 34.81 7.02 -1.92
C GLU D 25 33.66 6.17 -2.49
N LEU D 26 33.45 5.04 -1.80
CA LEU D 26 32.32 4.16 -2.11
C LEU D 26 31.00 4.85 -1.92
N LEU D 27 30.22 5.00 -2.97
CA LEU D 27 28.89 5.60 -2.73
C LEU D 27 27.72 4.74 -2.28
N CYS D 28 27.63 3.61 -2.95
CA CYS D 28 26.48 2.72 -2.88
C CYS D 28 26.83 1.40 -3.46
N GLY D 29 25.91 0.46 -3.38
CA GLY D 29 25.99 -0.68 -4.29
C GLY D 29 25.03 -0.55 -5.48
N ALA D 30 25.08 -1.57 -6.33
CA ALA D 30 24.26 -1.49 -7.53
C ALA D 30 24.06 -2.88 -8.08
N SER D 31 23.22 -3.07 -9.06
CA SER D 31 23.24 -4.43 -9.62
C SER D 31 23.43 -4.52 -11.17
N LEU D 32 24.06 -5.60 -11.65
CA LEU D 32 24.22 -5.76 -13.10
C LEU D 32 23.01 -6.45 -13.79
N ILE D 33 22.21 -5.68 -14.51
CA ILE D 33 21.08 -6.37 -15.17
C ILE D 33 21.28 -6.81 -16.65
N SER D 34 21.97 -5.99 -17.44
CA SER D 34 22.54 -6.50 -18.72
C SER D 34 24.07 -6.30 -18.80
N ASP D 35 24.80 -6.94 -19.68
CA ASP D 35 26.19 -6.49 -19.89
C ASP D 35 26.53 -5.03 -20.17
N ARG D 36 25.54 -4.23 -20.52
CA ARG D 36 25.84 -2.79 -20.50
C ARG D 36 25.12 -2.02 -19.44
N TRP D 37 24.12 -2.65 -18.82
CA TRP D 37 23.35 -1.84 -17.86
C TRP D 37 23.44 -2.26 -16.44
N VAL D 38 23.58 -1.25 -15.60
CA VAL D 38 23.64 -1.35 -14.13
C VAL D 38 22.48 -0.59 -13.57
N LEU D 39 22.00 -1.02 -12.43
CA LEU D 39 20.77 -0.41 -11.90
C LEU D 39 20.98 -0.17 -10.45
N THR D 40 20.58 1.03 -10.00
CA THR D 40 20.84 1.46 -8.60
C THR D 40 19.77 2.40 -8.02
N ALA D 41 19.95 2.85 -6.77
CA ALA D 41 18.91 3.78 -6.27
C ALA D 41 19.16 5.24 -6.64
N ALA D 42 18.12 5.97 -7.08
CA ALA D 42 18.46 7.32 -7.57
C ALA D 42 19.25 8.19 -6.61
N HIS D 43 18.90 8.03 -5.34
CA HIS D 43 19.59 8.86 -4.35
C HIS D 43 21.06 8.61 -4.14
N CYS D 44 21.59 7.60 -4.82
CA CYS D 44 23.06 7.57 -4.84
C CYS D 44 23.71 8.57 -5.77
N LEU D 45 22.98 8.94 -6.82
CA LEU D 45 23.44 10.00 -7.72
C LEU D 45 23.05 11.43 -7.37
N LEU D 46 21.73 11.66 -7.38
CA LEU D 46 21.09 12.96 -7.02
C LEU D 46 20.33 12.96 -5.68
N TYR D 47 20.91 13.65 -4.73
CA TYR D 47 20.21 13.84 -3.46
C TYR D 47 20.32 15.25 -2.84
N PRO D 48 19.50 16.16 -3.36
CA PRO D 48 19.60 17.56 -3.01
C PRO D 48 20.00 17.91 -1.62
N PRO D 49 19.30 17.44 -0.59
CA PRO D 49 19.80 17.77 0.75
C PRO D 49 21.27 17.59 1.06
N TRP D 50 21.90 16.67 0.37
CA TRP D 50 23.31 16.49 0.68
C TRP D 50 24.19 17.06 -0.41
N ASP D 51 23.55 17.88 -1.21
CA ASP D 51 24.16 18.36 -2.44
C ASP D 51 24.82 17.38 -3.40
N LYS D 52 24.77 16.09 -3.12
CA LYS D 52 24.83 15.12 -4.23
C LYS D 52 24.01 15.42 -5.46
N ASN D 53 24.75 15.59 -6.52
CA ASN D 53 24.19 15.61 -7.87
C ASN D 53 25.34 15.16 -8.78
N PHE D 54 25.66 13.88 -8.68
CA PHE D 54 26.77 13.31 -9.47
C PHE D 54 26.41 13.07 -10.92
N THR D 55 27.45 13.10 -11.79
CA THR D 55 27.26 12.59 -13.17
C THR D 55 28.26 11.62 -13.73
N GLU D 56 27.97 11.12 -14.94
CA GLU D 56 28.86 10.21 -15.75
C GLU D 56 30.35 10.24 -15.47
N ASN D 57 30.83 11.47 -15.39
CA ASN D 57 32.26 11.58 -15.11
C ASN D 57 32.54 12.23 -13.76
N ASP D 58 31.81 11.69 -12.80
CA ASP D 58 32.22 11.78 -11.38
C ASP D 58 32.51 10.39 -10.82
N LEU D 59 32.02 9.43 -11.60
CA LEU D 59 31.78 8.05 -11.13
C LEU D 59 32.50 6.98 -11.92
N LEU D 60 33.09 6.11 -11.17
CA LEU D 60 33.27 4.85 -11.84
C LEU D 60 32.46 3.76 -11.14
N VAL D 61 32.64 2.54 -11.61
CA VAL D 61 31.97 1.33 -11.13
C VAL D 61 32.95 0.12 -11.06
N ARG D 62 33.07 -0.47 -9.90
CA ARG D 62 33.91 -1.68 -9.91
C ARG D 62 33.08 -2.96 -9.99
N ILE D 63 32.86 -3.51 -11.20
CA ILE D 63 32.19 -4.82 -11.32
C ILE D 63 33.05 -6.05 -10.95
N GLY D 64 32.45 -7.10 -10.37
CA GLY D 64 33.29 -8.26 -10.05
C GLY D 64 33.85 -8.51 -8.65
N LYS D 65 33.92 -7.53 -7.74
CA LYS D 65 34.67 -7.93 -6.50
C LYS D 65 34.00 -8.61 -5.31
N HIS D 66 34.80 -9.35 -4.57
CA HIS D 66 34.38 -9.79 -3.21
C HIS D 66 34.92 -8.83 -2.14
N SER D 67 36.20 -8.49 -2.30
CA SER D 67 36.82 -7.69 -1.24
C SER D 67 36.58 -6.23 -1.28
N ARG D 68 36.53 -5.69 -0.12
CA ARG D 68 36.10 -4.30 -0.10
C ARG D 68 37.06 -3.24 -0.65
N THR D 69 38.37 -3.41 -0.33
CA THR D 69 39.46 -2.59 -0.96
C THR D 69 40.41 -3.27 -1.94
N ARG D 70 41.03 -4.26 -1.36
CA ARG D 70 41.98 -5.11 -2.04
C ARG D 70 41.60 -5.36 -3.51
N TYR D 71 42.29 -4.62 -4.38
CA TYR D 71 42.05 -4.76 -5.84
C TYR D 71 42.30 -6.18 -6.38
N GLU D 72 41.26 -6.88 -6.82
CA GLU D 72 41.75 -8.23 -7.19
C GLU D 72 41.89 -8.53 -8.67
N ARG D 73 43.12 -8.87 -9.04
CA ARG D 73 43.43 -8.80 -10.48
C ARG D 73 42.71 -9.65 -11.52
N ASN D 74 42.78 -10.99 -11.46
CA ASN D 74 42.04 -11.57 -12.62
C ASN D 74 40.47 -11.71 -12.52
N ILE D 75 39.93 -10.68 -11.90
CA ILE D 75 38.58 -10.76 -11.35
C ILE D 75 37.78 -9.52 -11.70
N GLU D 76 38.27 -8.38 -11.20
CA GLU D 76 37.38 -7.20 -11.11
C GLU D 76 37.32 -6.19 -12.25
N LYS D 77 36.35 -6.32 -13.14
CA LYS D 77 36.17 -5.20 -14.06
C LYS D 77 35.64 -3.91 -13.45
N ILE D 78 36.58 -3.03 -13.22
CA ILE D 78 36.27 -1.60 -13.28
C ILE D 78 35.85 -1.06 -14.63
N SER D 79 34.54 -0.96 -14.87
CA SER D 79 34.23 -0.13 -16.06
C SER D 79 33.87 1.35 -15.82
N MET D 80 33.36 2.02 -16.87
CA MET D 80 32.87 3.40 -16.75
C MET D 80 31.53 3.66 -17.46
N LEU D 81 30.97 4.83 -17.18
CA LEU D 81 29.54 5.03 -17.49
C LEU D 81 29.24 5.94 -18.65
N GLU D 82 28.71 5.35 -19.67
CA GLU D 82 28.26 6.29 -20.69
C GLU D 82 27.12 7.22 -20.32
N LYS D 83 26.00 6.67 -19.88
CA LYS D 83 24.98 7.59 -19.33
C LYS D 83 24.21 7.25 -18.03
N ILE D 84 23.70 8.29 -17.42
CA ILE D 84 22.90 8.09 -16.19
C ILE D 84 21.41 8.44 -16.40
N TYR D 85 20.45 7.57 -16.07
CA TYR D 85 19.04 7.99 -16.22
C TYR D 85 18.26 7.85 -14.94
N ILE D 86 17.74 8.98 -14.47
CA ILE D 86 16.97 8.95 -13.21
C ILE D 86 15.47 9.02 -13.44
N HIS D 87 14.70 8.27 -12.62
CA HIS D 87 13.28 8.22 -12.92
C HIS D 87 12.66 9.61 -12.99
N PRO D 88 12.00 9.95 -14.12
CA PRO D 88 11.32 11.26 -14.28
C PRO D 88 10.48 11.83 -13.15
N ARG D 89 10.16 10.99 -12.15
CA ARG D 89 9.28 11.31 -11.02
C ARG D 89 9.80 10.85 -9.63
N TYR D 90 11.11 10.80 -9.57
CA TYR D 90 11.72 10.43 -8.29
C TYR D 90 11.40 11.48 -7.25
N ASN D 91 10.96 11.02 -6.06
CA ASN D 91 10.66 11.96 -4.94
C ASN D 91 11.55 11.95 -3.70
N TRP D 92 12.56 12.79 -3.79
CA TRP D 92 13.50 12.93 -2.67
C TRP D 92 13.13 13.82 -1.53
N ARG D 93 12.23 14.75 -1.86
CA ARG D 93 11.66 15.69 -0.88
C ARG D 93 10.85 15.07 0.27
N GLU D 94 9.89 14.18 -0.05
CA GLU D 94 8.93 13.62 0.94
C GLU D 94 9.22 12.22 1.52
N ASN D 95 9.41 11.31 0.57
CA ASN D 95 9.40 9.87 0.91
C ASN D 95 10.28 8.92 0.12
N LEU D 96 11.26 9.45 -0.63
CA LEU D 96 12.12 8.62 -1.48
C LEU D 96 11.36 7.72 -2.42
N ASP D 97 10.31 8.34 -2.91
CA ASP D 97 9.49 7.55 -3.81
C ASP D 97 10.12 7.37 -5.18
N ARG D 98 9.99 6.13 -5.66
CA ARG D 98 10.48 5.82 -7.00
C ARG D 98 11.96 5.96 -7.12
N ASP D 99 12.61 5.80 -5.99
CA ASP D 99 14.06 5.68 -5.97
C ASP D 99 14.75 4.67 -6.89
N ILE D 100 14.65 4.86 -8.17
CA ILE D 100 15.32 3.93 -9.07
C ILE D 100 16.18 4.71 -10.02
N ALA D 101 17.33 4.17 -10.39
CA ALA D 101 18.07 4.77 -11.52
C ALA D 101 18.78 3.77 -12.37
N LEU D 102 18.69 3.99 -13.68
CA LEU D 102 19.62 3.20 -14.50
C LEU D 102 20.91 3.92 -14.91
N MET D 103 21.99 3.17 -14.89
CA MET D 103 23.13 3.66 -15.64
C MET D 103 23.75 2.68 -16.64
N LYS D 104 24.26 3.29 -17.67
CA LYS D 104 24.77 2.51 -18.80
C LYS D 104 26.25 2.55 -18.94
N LEU D 105 26.88 1.43 -18.69
CA LEU D 105 28.31 1.34 -19.01
C LEU D 105 28.61 1.84 -20.45
N LYS D 106 29.87 2.11 -20.78
CA LYS D 106 30.15 2.46 -22.20
C LYS D 106 30.88 1.40 -23.02
N LYS D 107 31.39 0.49 -22.26
CA LYS D 107 31.65 -0.74 -22.96
C LYS D 107 31.10 -1.81 -22.07
N PRO D 108 30.36 -2.65 -22.79
CA PRO D 108 29.90 -3.93 -22.29
C PRO D 108 30.91 -4.64 -21.44
N VAL D 109 30.41 -5.39 -20.50
CA VAL D 109 31.43 -6.17 -19.84
C VAL D 109 31.48 -7.64 -20.19
N ALA D 110 32.72 -8.08 -20.19
CA ALA D 110 32.95 -9.50 -20.44
C ALA D 110 32.51 -10.36 -19.29
N PHE D 111 31.38 -11.06 -19.41
CA PHE D 111 30.94 -11.94 -18.30
C PHE D 111 31.87 -13.07 -17.96
N SER D 112 31.88 -13.43 -16.69
CA SER D 112 32.84 -14.45 -16.27
C SER D 112 32.32 -15.27 -15.13
N ASP D 113 33.15 -16.15 -14.60
CA ASP D 113 32.48 -16.79 -13.49
C ASP D 113 32.58 -16.11 -12.09
N TYR D 114 32.21 -14.83 -12.15
CA TYR D 114 32.30 -13.80 -11.08
C TYR D 114 31.48 -12.61 -11.47
N ILE D 115 31.51 -12.31 -12.77
CA ILE D 115 30.55 -11.33 -13.31
C ILE D 115 29.42 -11.97 -14.08
N HIS D 116 28.24 -11.97 -13.44
CA HIS D 116 27.04 -12.53 -14.09
C HIS D 116 25.73 -11.79 -13.73
N PRO D 117 24.80 -11.50 -14.67
CA PRO D 117 23.58 -10.70 -14.38
C PRO D 117 22.45 -11.25 -13.50
N VAL D 118 21.76 -10.36 -12.85
CA VAL D 118 20.50 -10.75 -12.25
C VAL D 118 19.34 -10.63 -13.22
N CYS D 119 18.25 -11.32 -12.90
CA CYS D 119 17.11 -11.19 -13.83
C CYS D 119 16.13 -10.11 -13.41
N LEU D 120 15.30 -9.68 -14.32
CA LEU D 120 14.22 -8.83 -13.79
C LEU D 120 12.90 -9.61 -13.71
N PRO D 121 12.09 -9.36 -12.69
CA PRO D 121 11.03 -10.33 -12.52
C PRO D 121 9.90 -10.04 -13.48
N ASP D 122 9.06 -11.07 -13.62
CA ASP D 122 7.91 -11.08 -14.55
C ASP D 122 6.54 -11.07 -13.87
N ARG D 123 5.44 -10.86 -14.64
CA ARG D 123 4.14 -10.76 -13.95
C ARG D 123 3.92 -11.85 -12.91
N GLU D 124 4.05 -13.04 -13.44
CA GLU D 124 3.89 -14.20 -12.56
C GLU D 124 4.86 -14.27 -11.37
N THR D 125 6.16 -14.21 -11.68
CA THR D 125 7.21 -14.18 -10.62
C THR D 125 7.10 -13.13 -9.54
N ALA D 126 6.55 -11.95 -9.84
CA ALA D 126 6.19 -11.14 -8.67
C ALA D 126 5.09 -11.73 -7.70
N ALA D 127 3.93 -11.99 -8.29
CA ALA D 127 2.83 -12.68 -7.60
C ALA D 127 3.23 -13.70 -6.57
N SER D 128 3.80 -14.74 -7.07
CA SER D 128 4.14 -15.77 -6.11
C SER D 128 5.35 -15.49 -5.22
N LEU D 129 6.24 -14.61 -5.61
CA LEU D 129 7.34 -14.50 -4.66
C LEU D 129 7.24 -13.32 -3.72
N LEU D 130 6.25 -12.45 -3.99
CA LEU D 130 6.08 -11.30 -3.08
C LEU D 130 5.02 -11.49 -2.04
N GLN D 131 5.39 -12.42 -1.19
CA GLN D 131 4.47 -12.76 -0.12
C GLN D 131 5.07 -12.59 1.22
N ALA D 132 4.27 -12.03 2.08
CA ALA D 132 4.84 -11.79 3.37
C ALA D 132 5.28 -13.04 4.10
N GLY D 133 6.38 -12.93 4.82
CA GLY D 133 6.97 -14.14 5.37
C GLY D 133 7.95 -14.89 4.49
N TYR D 134 7.84 -14.63 3.22
CA TYR D 134 8.92 -15.08 2.30
C TYR D 134 10.21 -14.32 2.34
N LYS D 135 11.31 -15.04 2.34
CA LYS D 135 12.54 -14.28 2.46
C LYS D 135 13.30 -13.98 1.19
N GLY D 136 13.83 -12.77 1.15
CA GLY D 136 14.80 -12.46 0.10
C GLY D 136 16.21 -12.25 0.57
N ARG D 137 17.08 -12.06 -0.39
CA ARG D 137 18.47 -11.89 0.09
C ARG D 137 19.08 -10.58 -0.22
N VAL D 138 19.65 -9.96 0.74
CA VAL D 138 20.21 -8.67 0.41
C VAL D 138 21.72 -8.67 0.66
N THR D 139 22.47 -8.01 -0.25
CA THR D 139 23.95 -8.04 -0.18
C THR D 139 24.66 -6.72 -0.30
N GLY D 140 25.81 -6.67 0.40
CA GLY D 140 26.65 -5.48 0.14
C GLY D 140 27.77 -5.13 1.08
N TRP D 141 28.37 -3.96 0.85
CA TRP D 141 29.52 -3.54 1.70
C TRP D 141 29.31 -2.37 2.68
N GLY D 142 28.04 -2.08 2.93
CA GLY D 142 27.77 -1.04 3.93
C GLY D 142 27.79 -1.51 5.39
N ASN D 143 27.78 -0.54 6.29
CA ASN D 143 28.16 -0.78 7.68
C ASN D 143 27.52 -1.92 8.39
N LEU D 144 28.28 -2.42 9.35
CA LEU D 144 27.90 -3.52 10.23
C LEU D 144 27.06 -3.16 11.46
N LYS D 145 27.11 -1.90 11.83
CA LYS D 145 26.26 -1.42 12.92
C LYS D 145 25.55 -0.06 12.63
N GLU D 146 25.22 0.67 13.68
CA GLU D 146 24.54 1.93 13.40
C GLU D 146 25.35 3.13 13.84
N THR D 147 25.70 3.78 12.76
CA THR D 147 27.07 4.26 12.87
C THR D 147 27.10 5.74 12.88
N TRP D 148 27.28 6.13 14.14
CA TRP D 148 26.58 7.23 14.86
C TRP D 148 26.58 6.89 16.35
N THR D 149 26.13 5.65 16.56
CA THR D 149 25.62 5.33 17.91
C THR D 149 26.36 4.17 18.59
N ALA D 150 27.31 4.54 19.52
CA ALA D 150 28.20 3.74 20.46
C ALA D 150 28.35 2.18 20.48
N ASN D 151 27.99 1.65 19.34
CA ASN D 151 28.00 0.29 18.79
C ASN D 151 29.33 -0.49 18.82
N VAL D 152 30.15 -0.17 19.82
CA VAL D 152 31.60 -0.45 19.73
C VAL D 152 32.06 -1.92 19.70
N GLY D 153 32.12 -2.32 18.43
CA GLY D 153 32.74 -3.51 17.83
C GLY D 153 32.95 -3.12 16.35
N LYS D 154 32.90 -4.09 15.42
CA LYS D 154 33.37 -3.67 14.07
C LYS D 154 32.46 -2.67 13.37
N GLY D 155 33.05 -1.93 12.40
CA GLY D 155 32.28 -0.89 11.68
C GLY D 155 31.94 -1.20 10.25
N GLN D 156 32.99 -1.23 9.40
CA GLN D 156 32.98 -1.71 7.98
C GLN D 156 33.32 -3.17 7.75
N PRO D 157 32.74 -3.66 6.66
CA PRO D 157 32.94 -5.10 6.37
C PRO D 157 34.13 -5.39 5.45
N SER D 158 35.01 -6.33 5.76
CA SER D 158 36.13 -6.39 4.77
C SER D 158 35.94 -7.11 3.46
N VAL D 159 34.79 -7.76 3.37
CA VAL D 159 34.36 -8.72 2.36
C VAL D 159 32.89 -8.50 2.14
N LEU D 160 32.41 -8.65 0.95
CA LEU D 160 30.94 -8.60 0.79
C LEU D 160 30.11 -9.42 1.76
N GLN D 161 29.12 -8.73 2.29
CA GLN D 161 28.31 -9.35 3.33
C GLN D 161 26.92 -9.59 2.85
N VAL D 162 26.33 -10.57 3.51
CA VAL D 162 25.02 -11.10 3.08
C VAL D 162 23.99 -11.25 4.18
N VAL D 163 22.76 -10.87 3.86
CA VAL D 163 21.71 -11.23 4.82
C VAL D 163 20.40 -11.62 4.17
N ASN D 164 19.73 -12.63 4.73
CA ASN D 164 18.43 -13.01 4.15
C ASN D 164 17.24 -12.57 5.04
N LEU D 165 16.27 -11.96 4.42
CA LEU D 165 15.28 -11.36 5.29
C LEU D 165 13.91 -11.59 4.70
N PRO D 166 12.92 -11.78 5.56
CA PRO D 166 11.54 -11.90 5.07
C PRO D 166 10.85 -10.61 4.70
N ILE D 167 9.99 -10.65 3.69
CA ILE D 167 9.09 -9.51 3.46
C ILE D 167 8.09 -9.23 4.59
N VAL D 168 7.92 -7.98 5.00
CA VAL D 168 6.83 -7.83 5.98
C VAL D 168 5.48 -7.52 5.34
N GLU D 169 4.38 -7.64 6.11
CA GLU D 169 3.02 -7.40 5.57
C GLU D 169 2.65 -5.96 5.48
N ARG D 170 1.96 -5.64 4.40
CA ARG D 170 1.91 -4.21 4.02
C ARG D 170 1.47 -3.14 5.00
N PRO D 171 0.44 -3.42 5.74
CA PRO D 171 0.15 -2.51 6.85
C PRO D 171 1.11 -2.58 8.03
N VAL D 172 1.84 -3.69 8.17
CA VAL D 172 2.93 -3.58 9.15
C VAL D 172 3.96 -2.58 8.80
N CYS D 173 4.50 -2.66 7.60
CA CYS D 173 5.38 -1.51 7.26
C CYS D 173 4.77 -0.11 7.46
N LYS D 174 3.56 0.11 6.93
CA LYS D 174 2.84 1.38 7.19
C LYS D 174 2.64 1.74 8.64
N ASP D 175 2.39 0.73 9.43
CA ASP D 175 2.33 1.14 10.82
C ASP D 175 3.64 1.41 11.47
N SER D 176 4.71 1.19 10.71
CA SER D 176 6.02 1.41 11.32
C SER D 176 6.64 2.78 11.17
N THR D 177 6.19 3.60 10.21
CA THR D 177 6.78 4.95 9.98
C THR D 177 5.82 6.10 9.67
N ARG D 178 6.22 7.32 10.06
CA ARG D 178 5.36 8.46 9.68
C ARG D 178 5.36 8.75 8.20
N ILE D 179 6.36 8.17 7.54
CA ILE D 179 6.49 8.57 6.14
C ILE D 179 5.45 7.98 5.17
N ARG D 180 4.83 8.76 4.30
CA ARG D 180 4.01 8.08 3.28
C ARG D 180 4.63 6.99 2.45
N ILE D 181 4.38 5.80 2.94
CA ILE D 181 4.58 4.60 2.14
C ILE D 181 3.73 4.59 0.86
N THR D 182 4.41 4.40 -0.24
CA THR D 182 3.64 4.25 -1.46
C THR D 182 3.57 2.84 -1.98
N ASP D 183 2.97 2.67 -3.15
CA ASP D 183 3.05 1.32 -3.77
C ASP D 183 4.34 0.93 -4.47
N ASN D 184 5.34 1.76 -4.26
CA ASN D 184 6.52 1.45 -5.05
C ASN D 184 7.67 1.07 -4.18
N MET D 185 7.22 0.52 -3.07
CA MET D 185 8.02 0.49 -1.86
C MET D 185 7.63 -0.77 -1.11
N PHE D 186 8.50 -1.73 -0.99
CA PHE D 186 8.10 -2.81 -0.09
C PHE D 186 9.00 -2.87 1.10
N CYS D 187 8.61 -3.45 2.23
CA CYS D 187 9.70 -3.47 3.23
C CYS D 187 10.21 -4.82 3.54
N ALA D 188 11.05 -4.97 4.54
CA ALA D 188 11.39 -6.37 4.86
C ALA D 188 12.20 -6.37 6.11
N GLY D 189 12.15 -7.45 6.84
CA GLY D 189 12.95 -7.49 8.04
C GLY D 189 12.27 -8.30 9.12
N TYR D 190 13.04 -8.73 10.10
CA TYR D 190 12.29 -9.39 11.15
C TYR D 190 11.35 -8.52 11.98
N LYS D 191 10.35 -9.15 12.65
CA LYS D 191 9.51 -8.46 13.69
C LYS D 191 10.02 -8.67 15.12
N PRO D 192 9.79 -7.77 16.12
CA PRO D 192 10.48 -8.05 17.41
C PRO D 192 10.10 -9.34 18.10
N ASP D 193 8.91 -9.89 17.75
CA ASP D 193 8.59 -11.27 18.11
C ASP D 193 9.67 -12.28 17.70
N GLU D 194 10.15 -12.12 16.45
CA GLU D 194 10.53 -13.23 15.57
C GLU D 194 11.83 -13.88 15.82
N GLY D 195 12.52 -13.37 16.85
CA GLY D 195 13.74 -14.04 17.35
C GLY D 195 15.07 -13.99 16.52
N LYS D 196 14.90 -13.83 15.23
CA LYS D 196 16.00 -13.38 14.38
C LYS D 196 16.17 -11.82 14.27
N ARG D 197 17.39 -11.43 13.94
CA ARG D 197 17.59 -10.05 13.51
C ARG D 197 18.05 -9.89 12.07
N GLY D 198 18.18 -8.61 11.68
CA GLY D 198 18.97 -8.35 10.46
C GLY D 198 18.54 -7.15 9.65
N ASP D 199 19.53 -6.49 9.01
CA ASP D 199 19.25 -5.35 8.14
C ASP D 199 20.39 -4.78 7.29
N ALA D 200 20.04 -4.25 6.11
CA ALA D 200 20.86 -3.19 5.48
C ALA D 200 21.16 -2.02 6.37
N CYS D 201 22.11 -1.21 5.93
CA CYS D 201 22.71 -0.10 6.70
C CYS D 201 23.62 0.77 5.83
N GLU D 202 24.09 1.97 6.29
CA GLU D 202 24.62 2.94 5.28
C GLU D 202 25.68 2.34 4.44
N GLY D 203 25.51 2.56 3.19
CA GLY D 203 26.52 1.97 2.33
C GLY D 203 25.99 0.91 1.43
N ASP D 204 24.93 0.25 1.97
CA ASP D 204 24.09 -0.68 1.18
C ASP D 204 23.19 -0.08 0.12
N SER D 205 23.13 1.24 0.03
CA SER D 205 22.13 1.81 -0.85
C SER D 205 22.25 1.47 -2.30
N GLY D 206 21.10 1.31 -2.99
CA GLY D 206 21.19 0.78 -4.37
C GLY D 206 21.30 -0.74 -4.59
N GLY D 207 21.55 -1.46 -3.54
CA GLY D 207 21.77 -2.87 -3.85
C GLY D 207 20.59 -3.81 -4.12
N PRO D 208 20.94 -5.03 -4.46
CA PRO D 208 19.90 -6.00 -4.75
C PRO D 208 19.33 -6.62 -3.50
N PHE D 209 17.99 -6.69 -3.58
CA PHE D 209 17.16 -7.67 -2.87
C PHE D 209 16.76 -8.57 -3.95
N VAL D 210 17.24 -9.77 -3.81
CA VAL D 210 16.81 -10.80 -4.75
C VAL D 210 16.13 -12.00 -4.08
N MET D 211 15.57 -12.82 -4.94
CA MET D 211 14.85 -14.05 -4.57
C MET D 211 15.07 -15.12 -5.62
N LYS D 212 15.10 -16.37 -5.18
CA LYS D 212 15.35 -17.50 -6.10
C LYS D 212 14.10 -18.27 -6.49
N SER D 213 13.73 -18.26 -7.75
CA SER D 213 12.41 -18.83 -8.11
C SER D 213 12.25 -20.36 -8.09
N PRO D 214 11.41 -20.95 -7.19
CA PRO D 214 11.06 -22.38 -7.32
C PRO D 214 10.70 -22.98 -8.67
N PHE D 215 10.03 -22.30 -9.65
CA PHE D 215 10.00 -23.07 -10.92
C PHE D 215 11.32 -23.24 -11.69
N ASN D 216 11.90 -22.09 -12.06
CA ASN D 216 13.14 -22.05 -12.83
C ASN D 216 14.25 -21.63 -11.96
N ASN D 217 15.20 -22.46 -11.59
CA ASN D 217 15.91 -22.02 -10.37
C ASN D 217 17.06 -20.98 -10.47
N ARG D 218 16.65 -19.83 -10.97
CA ARG D 218 17.42 -18.62 -11.14
C ARG D 218 16.97 -17.38 -10.36
N TRP D 219 17.95 -16.52 -10.11
CA TRP D 219 17.72 -15.44 -9.17
C TRP D 219 17.09 -14.20 -9.76
N TYR D 220 16.08 -13.65 -9.09
CA TYR D 220 15.43 -12.44 -9.62
C TYR D 220 15.69 -11.23 -8.78
N GLN D 221 15.91 -10.06 -9.38
CA GLN D 221 16.09 -8.94 -8.46
C GLN D 221 14.76 -8.42 -7.98
N MET D 222 14.47 -8.67 -6.76
CA MET D 222 13.12 -8.22 -6.43
C MET D 222 12.98 -6.74 -5.98
N GLY D 223 14.09 -6.30 -5.42
CA GLY D 223 14.15 -4.89 -5.04
C GLY D 223 15.53 -4.23 -5.00
N ILE D 224 15.50 -2.95 -4.65
CA ILE D 224 16.73 -2.11 -4.63
C ILE D 224 16.91 -1.53 -3.27
N VAL D 225 18.00 -1.73 -2.51
CA VAL D 225 17.97 -1.06 -1.18
C VAL D 225 17.75 0.45 -1.18
N SER D 226 16.96 0.97 -0.24
CA SER D 226 16.52 2.35 -0.52
C SER D 226 16.47 3.17 0.72
N TRP D 227 15.66 2.75 1.67
CA TRP D 227 15.64 3.62 2.84
C TRP D 227 15.30 2.99 4.17
N GLY D 228 15.17 3.82 5.19
CA GLY D 228 15.09 3.24 6.52
C GLY D 228 15.35 4.27 7.58
N GLU D 229 14.90 3.92 8.77
CA GLU D 229 15.16 4.82 9.92
C GLU D 229 16.22 4.26 10.87
N GLY D 230 17.47 4.42 10.47
CA GLY D 230 18.50 3.71 11.25
C GLY D 230 19.08 2.47 10.58
N CYS D 231 19.75 1.67 11.36
CA CYS D 231 20.06 0.32 10.84
C CYS D 231 19.61 -0.72 11.82
N ASP D 232 18.75 -1.64 11.41
CA ASP D 232 18.33 -2.69 12.38
C ASP D 232 17.70 -2.18 13.68
N ARG D 233 16.80 -1.20 13.57
CA ARG D 233 16.06 -1.12 14.83
C ARG D 233 14.78 -1.89 14.96
N ASP D 234 14.58 -2.22 16.23
CA ASP D 234 13.36 -2.90 16.66
C ASP D 234 12.01 -2.26 16.40
N GLY D 235 11.27 -2.93 15.56
CA GLY D 235 10.04 -2.25 15.17
C GLY D 235 10.15 -1.50 13.89
N LYS D 236 11.37 -1.23 13.53
CA LYS D 236 11.46 -0.58 12.25
C LYS D 236 11.82 -1.57 11.16
N TYR D 237 11.53 -1.16 9.94
CA TYR D 237 11.78 -2.07 8.82
C TYR D 237 12.46 -1.39 7.64
N GLY D 238 13.23 -2.17 6.90
CA GLY D 238 13.86 -1.46 5.81
C GLY D 238 13.02 -1.38 4.55
N PHE D 239 13.15 -0.27 3.81
CA PHE D 239 12.30 -0.20 2.61
C PHE D 239 13.00 -0.35 1.30
N TYR D 240 12.40 -1.06 0.36
CA TYR D 240 13.09 -1.49 -0.87
C TYR D 240 12.42 -1.01 -2.13
N THR D 241 13.15 -0.60 -3.18
CA THR D 241 12.32 -0.12 -4.32
C THR D 241 11.67 -1.29 -5.04
N HIS D 242 10.46 -1.08 -5.50
CA HIS D 242 9.74 -2.19 -6.11
C HIS D 242 10.02 -2.37 -7.57
N VAL D 243 11.10 -3.07 -7.85
CA VAL D 243 11.47 -3.21 -9.28
C VAL D 243 10.31 -3.40 -10.25
N PHE D 244 9.68 -4.58 -10.22
CA PHE D 244 8.48 -4.85 -11.05
C PHE D 244 7.48 -3.69 -11.24
N ARG D 245 7.16 -2.94 -10.16
CA ARG D 245 6.20 -1.85 -10.34
C ARG D 245 6.73 -0.79 -11.27
N LEU D 246 8.04 -0.62 -11.14
CA LEU D 246 8.69 0.28 -12.09
C LEU D 246 9.23 -0.36 -13.39
N LYS D 247 9.39 -1.65 -13.44
CA LYS D 247 9.90 -2.34 -14.65
C LYS D 247 9.56 -1.84 -16.05
N LYS D 248 8.33 -1.43 -16.28
CA LYS D 248 8.06 -0.76 -17.56
C LYS D 248 8.91 0.50 -17.88
N TRP D 249 9.05 1.35 -16.85
CA TRP D 249 10.05 2.44 -17.01
C TRP D 249 11.41 1.93 -17.46
N ILE D 250 11.95 1.03 -16.68
CA ILE D 250 13.17 0.36 -17.12
C ILE D 250 13.18 0.03 -18.60
N GLN D 251 12.15 -0.69 -19.04
CA GLN D 251 12.16 -0.99 -20.48
C GLN D 251 12.01 0.15 -21.46
N LYS D 252 11.39 1.27 -21.02
CA LYS D 252 11.57 2.50 -21.81
C LYS D 252 13.05 2.95 -22.06
N VAL D 253 13.83 2.96 -20.97
CA VAL D 253 15.24 3.35 -21.16
C VAL D 253 16.07 2.32 -21.90
N ILE D 254 16.21 1.15 -21.30
CA ILE D 254 16.89 0.04 -21.97
C ILE D 254 16.43 -0.24 -23.41
N ASP D 255 15.16 0.01 -23.67
CA ASP D 255 14.90 0.07 -25.10
C ASP D 255 15.57 1.24 -25.77
N GLN D 256 15.07 2.45 -25.49
CA GLN D 256 15.18 3.55 -26.44
C GLN D 256 14.76 3.09 -27.86
N PHE D 257 15.70 2.40 -28.49
CA PHE D 257 15.57 1.82 -29.83
C PHE D 257 16.48 0.58 -30.11
N GLY D 258 16.96 0.48 -31.37
CA GLY D 258 17.65 -0.68 -31.99
C GLY D 258 18.99 -0.39 -32.70
N GLU D 259 19.56 -1.49 -33.22
CA GLU D 259 21.03 -1.70 -33.18
C GLU D 259 21.86 -1.56 -34.49
C1 GR3 E . -7.51 15.85 1.52
C2 GR3 E . -6.83 17.11 1.02
C3 GR3 E . -5.35 17.02 1.32
C4 GR3 E . -4.66 15.83 0.69
C5 GR3 E . -5.44 14.53 0.94
C6 GR3 E . -4.82 13.33 0.22
C7 GR3 E . -5.66 12.09 0.34
C8 GR3 E . -6.88 12.11 0.89
C9 GR3 E . -7.47 13.35 1.52
C10 GR3 E . -6.95 14.60 0.80
C11 GR3 E . -8.96 13.31 1.66
C12 GR3 E . -9.47 12.00 2.27
C13 GR3 E . -8.48 10.81 2.29
C14 GR3 E . -7.72 10.85 0.96
C15 GR3 E . -6.98 9.51 0.91
C16 GR3 E . -7.85 8.54 1.70
C17 GR3 E . -9.06 9.38 2.21
C18 GR3 E . -7.59 10.86 3.55
C19 GR3 E . -7.32 14.61 -0.69
C22 GR3 E . -11.02 9.60 3.80
C23 GR3 E . -11.08 10.07 5.21
C24 GR3 E . -12.32 10.79 5.61
C25 GR3 E . -12.45 11.60 6.66
C26 GR3 E . -13.80 12.19 6.96
C27 GR3 E . -11.33 12.05 7.57
C28 GR3 E . -8.60 10.91 -0.30
C29 GR3 E . -3.26 15.60 1.31
C30 GR3 E . -4.42 16.15 -0.81
O31 GR3 E . -3.05 15.22 2.42
O32 GR3 E . -8.24 7.51 0.83
O33 GR3 E . -10.20 6.65 4.42
O34 GR3 E . -2.30 15.77 0.59
O35 GR3 E . -10.12 9.97 5.95
O36 GR3 E . -5.26 16.90 2.74
C37 GR3 E . -4.35 17.58 3.49
C38 GR3 E . -3.98 18.94 2.86
O39 GR3 E . -3.99 17.32 4.61
C20 GR3 E . -9.74 8.80 3.48
C21 GR3 E . -10.34 7.40 3.48
C1 GR3 F . 16.17 8.65 6.17
C2 GR3 F . 15.30 9.71 6.86
C3 GR3 F . 16.18 10.57 7.77
C4 GR3 F . 17.22 11.31 6.96
C5 GR3 F . 18.08 10.31 6.13
C6 GR3 F . 19.19 10.98 5.25
C7 GR3 F . 19.84 10.00 4.27
C8 GR3 F . 19.46 8.72 4.15
C9 GR3 F . 18.32 8.13 4.94
C10 GR3 F . 17.28 9.24 5.31
C11 GR3 F . 17.68 6.95 4.26
C12 GR3 F . 18.65 5.92 3.73
C13 GR3 F . 20.10 6.38 3.60
C14 GR3 F . 20.12 7.83 3.15
C15 GR3 F . 21.58 8.05 2.75
C16 GR3 F . 22.08 6.67 2.22
C17 GR3 F . 20.91 5.69 2.47
C18 GR3 F . 20.85 6.14 4.93
C19 GR3 F . 16.64 9.86 4.04
C22 GR3 F . 20.17 3.26 2.73
C23 GR3 F . 20.09 2.47 3.99
C24 GR3 F . 19.10 1.38 4.08
C25 GR3 F . 18.74 0.72 5.21
C26 GR3 F . 17.78 -0.43 5.11
C27 GR3 F . 19.18 1.06 6.63
C28 GR3 F . 19.32 8.16 1.89
C29 GR3 F . 18.11 12.09 7.94
C30 GR3 F . 16.54 12.41 6.11
O31 GR3 F . 18.02 11.94 9.13
O32 GR3 F . 22.55 6.71 0.84
O33 GR3 F . 23.29 3.09 2.04
O34 GR3 F . 18.81 13.00 7.52
O35 GR3 F . 20.86 2.69 4.91
O36 GR3 F . 16.79 9.69 8.76
C37 GR3 F . 16.43 9.63 10.09
C38 GR3 F . 15.47 10.73 10.53
O39 GR3 F . 16.77 8.78 10.92
C20 GR3 F . 21.35 4.25 2.73
C21 GR3 F . 22.23 3.61 1.71
#